data_4DN4
#
_entry.id   4DN4
#
_cell.length_a   136.010
_cell.length_b   136.010
_cell.length_c   109.290
_cell.angle_alpha   90.00
_cell.angle_beta   90.00
_cell.angle_gamma   120.00
#
_symmetry.space_group_name_H-M   'P 63 2 2'
#
loop_
_entity.id
_entity.type
_entity.pdbx_description
1 polymer 'CNTO888 LIGHT CHAIN'
2 polymer 'CNTO888 HEAVY CHAIN'
3 polymer 'C-C motif chemokine 2'
4 non-polymer 'ACETATE ION'
5 non-polymer GLYCEROL
6 water water
#
loop_
_entity_poly.entity_id
_entity_poly.type
_entity_poly.pdbx_seq_one_letter_code
_entity_poly.pdbx_strand_id
1 'polypeptide(L)'
;EIVLTQSPATLSLSPGERATLSCRASQSVSDAYLAWYQQKPGQAPRLLIYDASSRATGVPARFSGSGSGTDFTLTISSLE
PEDFAVYYCHQYIQLHSFTFGQGTKVEIKRTVAAPSVFIFPPSDEQLKSGTASVVCLLNNFYPREAKVQWKVDNALQSGN
SQESVTEQDSKDSTYSLSSTLTLSKADYEKHKVYACEVTHQGLSSPVTKSFNRGEC
;
L
2 'polypeptide(L)'
;QVELVQSGAEVKKPGSSVKVSCKASGGTFSSYGISWVRQAPGQGLEWMGGIIPIFGTANYAQKFQGRVTITADESTSTAY
MELSSLRSEDTAVYYCARYDGIYGELDFWGQGTLVTVSSASTKGPSVFPLAPSSKSTSGGTAALGCLVKDYFPEPVTVSW
NSGALTSGVHTFPAVLQSSGLYSLSSVVTVPSSSLGTQTYICNVNHKPSNTKVDKKVEPKSCHHHHHH
;
H
3 'polypeptide(L)' QPDAINAAVTCCYNFTNRKISVQRLASYRRITSSKCPKEAVIFKTIVAKEICADPKQKWVQDSMDHLDKQTQTPKT M
#
# COMPACT_ATOMS: atom_id res chain seq x y z
N GLU A 1 8.57 -9.06 -19.00
CA GLU A 1 8.25 -8.90 -20.45
C GLU A 1 6.76 -8.98 -20.73
N ILE A 2 5.99 -9.58 -19.82
CA ILE A 2 4.53 -9.54 -19.90
C ILE A 2 4.01 -8.32 -19.13
N VAL A 3 3.42 -7.39 -19.88
CA VAL A 3 2.87 -6.18 -19.29
C VAL A 3 1.39 -6.39 -19.01
N LEU A 4 0.99 -6.15 -17.76
CA LEU A 4 -0.41 -6.21 -17.38
C LEU A 4 -1.00 -4.80 -17.30
N THR A 5 -2.15 -4.63 -17.94
CA THR A 5 -2.84 -3.33 -17.96
C THR A 5 -4.21 -3.48 -17.32
N GLN A 6 -4.40 -2.77 -16.21
CA GLN A 6 -5.65 -2.82 -15.46
C GLN A 6 -6.52 -1.60 -15.77
N SER A 7 -7.82 -1.85 -15.83
CA SER A 7 -8.80 -0.79 -16.04
C SER A 7 -10.09 -1.09 -15.27
N PRO A 8 -10.80 -0.03 -14.82
CA PRO A 8 -10.37 1.36 -14.92
C PRO A 8 -9.35 1.69 -13.82
N ALA A 9 -8.83 2.92 -13.83
CA ALA A 9 -7.89 3.37 -12.80
C ALA A 9 -8.56 3.42 -11.43
N THR A 10 -9.74 4.04 -11.39
CA THR A 10 -10.57 4.11 -10.19
C THR A 10 -11.97 3.67 -10.56
N LEU A 11 -12.60 2.89 -9.67
CA LEU A 11 -13.97 2.47 -9.86
C LEU A 11 -14.80 2.99 -8.69
N SER A 12 -15.81 3.82 -9.02
CA SER A 12 -16.71 4.36 -8.02
C SER A 12 -18.08 3.68 -8.10
N LEU A 13 -18.44 2.98 -7.02
CA LEU A 13 -19.72 2.27 -6.96
C LEU A 13 -20.33 2.38 -5.57
N SER A 14 -21.65 2.52 -5.52
CA SER A 14 -22.37 2.54 -4.25
C SER A 14 -22.39 1.14 -3.64
N PRO A 15 -22.60 1.05 -2.31
CA PRO A 15 -22.61 -0.27 -1.68
C PRO A 15 -23.66 -1.19 -2.28
N GLY A 16 -23.33 -2.46 -2.46
CA GLY A 16 -24.26 -3.45 -3.00
C GLY A 16 -24.20 -3.63 -4.51
N GLU A 17 -23.62 -2.63 -5.20
CA GLU A 17 -23.41 -2.71 -6.65
C GLU A 17 -22.33 -3.73 -7.00
N ARG A 18 -22.28 -4.14 -8.26
CA ARG A 18 -21.29 -5.10 -8.72
C ARG A 18 -20.02 -4.42 -9.22
N ALA A 19 -18.89 -4.96 -8.79
CA ALA A 19 -17.58 -4.50 -9.22
C ALA A 19 -16.97 -5.45 -10.25
N THR A 20 -16.46 -4.87 -11.34
CA THR A 20 -15.84 -5.63 -12.42
C THR A 20 -14.52 -4.97 -12.79
N LEU A 21 -13.42 -5.62 -12.46
CA LEU A 21 -12.09 -5.06 -12.70
C LEU A 21 -11.39 -5.86 -13.79
N SER A 22 -10.64 -5.17 -14.65
CA SER A 22 -9.98 -5.83 -15.78
C SER A 22 -8.47 -5.88 -15.64
N CYS A 23 -7.89 -7.00 -16.09
CA CYS A 23 -6.46 -7.14 -16.24
C CYS A 23 -6.17 -7.77 -17.60
N ARG A 24 -5.75 -6.94 -18.55
CA ARG A 24 -5.36 -7.41 -19.87
C ARG A 24 -3.85 -7.54 -19.97
N ALA A 25 -3.41 -8.67 -20.52
CA ALA A 25 -1.99 -8.95 -20.66
C ALA A 25 -1.51 -8.68 -22.08
N SER A 26 -0.26 -8.24 -22.20
CA SER A 26 0.36 -7.98 -23.51
C SER A 26 0.66 -9.29 -24.25
N GLN A 27 0.67 -10.40 -23.51
CA GLN A 27 0.88 -11.72 -24.07
C GLN A 27 -0.06 -12.71 -23.38
N SER A 28 -0.33 -13.83 -24.04
CA SER A 28 -1.12 -14.90 -23.45
C SER A 28 -0.43 -15.44 -22.19
N VAL A 29 -1.15 -15.42 -21.07
CA VAL A 29 -0.69 -16.05 -19.82
C VAL A 29 -1.14 -17.50 -19.85
N SER A 30 -0.16 -18.40 -19.73
CA SER A 30 -0.23 -19.73 -20.36
C SER A 30 -1.09 -20.82 -19.72
N ASP A 31 -1.17 -20.86 -18.40
CA ASP A 31 -1.99 -21.88 -17.74
C ASP A 31 -2.89 -21.28 -16.68
N ALA A 32 -3.40 -20.09 -17.00
CA ALA A 32 -4.18 -19.25 -16.07
C ALA A 32 -3.35 -18.85 -14.84
N TYR A 33 -2.03 -18.82 -15.00
CA TYR A 33 -1.11 -18.44 -13.93
C TYR A 33 -1.17 -16.95 -13.61
N LEU A 34 -2.37 -16.51 -13.22
CA LEU A 34 -2.68 -15.12 -12.93
C LEU A 34 -3.34 -15.02 -11.55
N ALA A 35 -2.95 -14.00 -10.78
CA ALA A 35 -3.44 -13.84 -9.40
C ALA A 35 -3.97 -12.44 -9.14
N TRP A 36 -4.89 -12.34 -8.18
CA TRP A 36 -5.41 -11.04 -7.74
C TRP A 36 -5.09 -10.82 -6.28
N TYR A 37 -4.64 -9.61 -5.96
CA TYR A 37 -4.37 -9.23 -4.58
C TYR A 37 -5.23 -8.03 -4.19
N GLN A 38 -5.64 -8.00 -2.93
CA GLN A 38 -6.31 -6.84 -2.36
C GLN A 38 -5.35 -6.16 -1.38
N GLN A 39 -5.28 -4.83 -1.45
CA GLN A 39 -4.49 -4.07 -0.50
C GLN A 39 -5.30 -2.91 0.08
N LYS A 40 -5.68 -3.04 1.34
CA LYS A 40 -6.35 -1.96 2.06
C LYS A 40 -5.29 -0.98 2.58
N PRO A 41 -5.68 0.30 2.77
CA PRO A 41 -4.73 1.36 3.10
C PRO A 41 -3.79 1.01 4.26
N GLY A 42 -2.49 1.13 4.01
CA GLY A 42 -1.47 0.87 5.02
C GLY A 42 -1.44 -0.56 5.53
N GLN A 43 -1.64 -1.52 4.63
CA GLN A 43 -1.61 -2.94 4.96
C GLN A 43 -0.89 -3.73 3.87
N ALA A 44 -0.39 -4.91 4.24
CA ALA A 44 0.25 -5.81 3.29
C ALA A 44 -0.80 -6.37 2.33
N PRO A 45 -0.43 -6.56 1.04
CA PRO A 45 -1.33 -7.18 0.09
C PRO A 45 -1.84 -8.54 0.55
N ARG A 46 -3.09 -8.83 0.23
CA ARG A 46 -3.74 -10.08 0.58
C ARG A 46 -4.13 -10.80 -0.70
N LEU A 47 -3.78 -12.09 -0.78
CA LEU A 47 -4.13 -12.90 -1.94
C LEU A 47 -5.63 -13.19 -1.96
N LEU A 48 -6.27 -12.82 -3.07
CA LEU A 48 -7.70 -13.06 -3.26
C LEU A 48 -7.96 -14.23 -4.22
N ILE A 49 -7.38 -14.15 -5.40
CA ILE A 49 -7.60 -15.14 -6.45
C ILE A 49 -6.27 -15.62 -7.02
N TYR A 50 -6.15 -16.95 -7.15
CA TYR A 50 -5.01 -17.58 -7.82
C TYR A 50 -5.53 -18.46 -8.94
N ASP A 51 -4.68 -18.75 -9.93
CA ASP A 51 -5.06 -19.55 -11.11
C ASP A 51 -6.25 -18.93 -11.85
N ALA A 52 -6.32 -17.60 -11.81
CA ALA A 52 -7.34 -16.80 -12.50
C ALA A 52 -8.75 -16.89 -11.92
N SER A 53 -9.15 -18.07 -11.42
CA SER A 53 -10.53 -18.28 -11.00
C SER A 53 -10.71 -19.00 -9.66
N SER A 54 -9.62 -19.34 -8.99
CA SER A 54 -9.70 -20.01 -7.70
C SER A 54 -9.69 -19.03 -6.54
N ARG A 55 -10.77 -19.05 -5.76
CA ARG A 55 -10.93 -18.19 -4.59
C ARG A 55 -10.01 -18.66 -3.47
N ALA A 56 -9.20 -17.74 -2.95
CA ALA A 56 -8.16 -18.09 -1.98
C ALA A 56 -8.68 -18.41 -0.58
N THR A 57 -7.79 -18.30 0.40
CA THR A 57 -8.06 -18.81 1.74
C THR A 57 -8.70 -17.75 2.64
N GLY A 58 -9.86 -18.08 3.20
CA GLY A 58 -10.61 -17.15 4.06
C GLY A 58 -11.16 -15.96 3.32
N VAL A 59 -11.34 -16.12 2.02
CA VAL A 59 -11.84 -15.07 1.14
C VAL A 59 -13.35 -15.19 1.00
N PRO A 60 -14.08 -14.08 1.25
CA PRO A 60 -15.54 -14.06 1.16
C PRO A 60 -16.06 -14.49 -0.22
N ALA A 61 -17.24 -15.12 -0.23
CA ALA A 61 -17.84 -15.71 -1.43
C ALA A 61 -18.16 -14.71 -2.56
N ARG A 62 -18.30 -13.44 -2.21
CA ARG A 62 -18.63 -12.40 -3.20
C ARG A 62 -17.49 -12.10 -4.17
N PHE A 63 -16.27 -12.44 -3.77
CA PHE A 63 -15.10 -12.29 -4.64
C PHE A 63 -15.00 -13.48 -5.60
N SER A 64 -14.86 -13.18 -6.89
CA SER A 64 -14.63 -14.20 -7.90
C SER A 64 -13.76 -13.65 -9.03
N GLY A 65 -12.90 -14.52 -9.57
CA GLY A 65 -12.10 -14.19 -10.74
C GLY A 65 -12.43 -15.11 -11.89
N SER A 66 -12.15 -14.66 -13.12
CA SER A 66 -12.34 -15.48 -14.32
C SER A 66 -11.57 -14.97 -15.54
N GLY A 67 -11.59 -15.76 -16.61
CA GLY A 67 -10.91 -15.43 -17.85
C GLY A 67 -9.68 -16.30 -18.09
N SER A 68 -9.09 -16.15 -19.26
CA SER A 68 -7.86 -16.88 -19.65
C SER A 68 -7.18 -16.23 -20.84
N GLY A 69 -5.90 -16.53 -21.03
CA GLY A 69 -5.13 -15.96 -22.13
C GLY A 69 -4.68 -14.56 -21.81
N THR A 70 -5.40 -13.56 -22.32
CA THR A 70 -5.05 -12.16 -22.09
C THR A 70 -6.10 -11.39 -21.31
N ASP A 71 -7.33 -11.90 -21.27
CA ASP A 71 -8.44 -11.19 -20.63
C ASP A 71 -8.79 -11.79 -19.27
N PHE A 72 -8.51 -11.04 -18.21
CA PHE A 72 -8.84 -11.49 -16.87
C PHE A 72 -9.70 -10.44 -16.17
N THR A 73 -10.69 -10.92 -15.43
CA THR A 73 -11.57 -10.05 -14.66
C THR A 73 -11.69 -10.50 -13.20
N LEU A 74 -11.73 -9.53 -12.31
CA LEU A 74 -12.05 -9.76 -10.91
C LEU A 74 -13.45 -9.23 -10.65
N THR A 75 -14.25 -10.00 -9.94
CA THR A 75 -15.64 -9.64 -9.65
C THR A 75 -15.94 -9.65 -8.16
N ILE A 76 -16.42 -8.51 -7.66
CA ILE A 76 -17.01 -8.42 -6.33
C ILE A 76 -18.52 -8.23 -6.54
N SER A 77 -19.28 -9.28 -6.24
CA SER A 77 -20.70 -9.37 -6.64
C SER A 77 -21.61 -8.35 -5.97
N SER A 78 -21.47 -8.20 -4.66
CA SER A 78 -22.22 -7.19 -3.92
C SER A 78 -21.25 -6.42 -3.04
N LEU A 79 -20.88 -5.23 -3.49
CA LEU A 79 -19.82 -4.44 -2.86
C LEU A 79 -20.13 -4.08 -1.41
N GLU A 80 -19.19 -4.43 -0.52
CA GLU A 80 -19.23 -4.02 0.89
C GLU A 80 -18.33 -2.80 1.06
N PRO A 81 -18.63 -1.93 2.05
CA PRO A 81 -17.80 -0.72 2.23
C PRO A 81 -16.37 -1.02 2.71
N GLU A 82 -16.18 -2.14 3.39
CA GLU A 82 -14.86 -2.61 3.82
C GLU A 82 -14.03 -3.14 2.64
N ASP A 83 -14.50 -2.89 1.42
CA ASP A 83 -13.81 -3.33 0.20
C ASP A 83 -13.06 -2.19 -0.47
N PHE A 84 -13.25 -0.98 0.04
CA PHE A 84 -12.40 0.16 -0.30
C PHE A 84 -10.94 -0.30 -0.22
N ALA A 85 -10.30 -0.43 -1.37
CA ALA A 85 -8.93 -0.92 -1.47
C ALA A 85 -8.34 -0.66 -2.87
N VAL A 86 -7.07 -1.01 -3.04
CA VAL A 86 -6.48 -1.11 -4.36
C VAL A 86 -6.32 -2.60 -4.68
N TYR A 87 -6.74 -2.99 -5.88
CA TYR A 87 -6.64 -4.39 -6.31
C TYR A 87 -5.61 -4.53 -7.43
N TYR A 88 -4.74 -5.53 -7.28
CA TYR A 88 -3.63 -5.77 -8.20
C TYR A 88 -3.71 -7.14 -8.86
N CYS A 89 -3.41 -7.20 -10.16
CA CYS A 89 -3.25 -8.49 -10.84
C CYS A 89 -1.76 -8.82 -11.00
N HIS A 90 -1.47 -10.10 -11.19
CA HIS A 90 -0.11 -10.60 -11.15
C HIS A 90 -0.02 -11.90 -11.96
N GLN A 91 0.79 -11.88 -13.02
CA GLN A 91 1.12 -13.11 -13.73
C GLN A 91 2.34 -13.75 -13.09
N TYR A 92 2.35 -15.07 -13.04
CA TYR A 92 3.49 -15.80 -12.49
C TYR A 92 3.85 -17.00 -13.34
N ILE A 93 3.53 -16.92 -14.63
CA ILE A 93 3.88 -17.97 -15.59
C ILE A 93 5.37 -17.92 -15.91
N GLN A 94 5.93 -16.71 -15.94
CA GLN A 94 7.36 -16.52 -16.15
C GLN A 94 8.07 -16.41 -14.80
N LEU A 95 8.48 -17.55 -14.26
CA LEU A 95 9.18 -17.63 -12.96
C LEU A 95 10.31 -16.63 -12.82
N HIS A 96 11.03 -16.41 -13.92
CA HIS A 96 12.20 -15.56 -13.96
C HIS A 96 11.84 -14.08 -14.01
N SER A 97 10.57 -13.79 -14.27
CA SER A 97 10.11 -12.41 -14.46
C SER A 97 8.64 -12.20 -14.07
N PHE A 98 8.37 -12.22 -12.76
CA PHE A 98 7.03 -11.92 -12.23
C PHE A 98 6.68 -10.47 -12.54
N THR A 99 5.43 -10.22 -12.92
CA THR A 99 4.97 -8.85 -13.17
C THR A 99 3.60 -8.57 -12.55
N PHE A 100 3.38 -7.29 -12.23
CA PHE A 100 2.14 -6.82 -11.61
C PHE A 100 1.43 -5.79 -12.48
N GLY A 101 0.09 -5.77 -12.42
CA GLY A 101 -0.68 -4.66 -12.98
C GLY A 101 -0.50 -3.40 -12.16
N GLN A 102 -0.83 -2.24 -12.74
CA GLN A 102 -0.62 -0.95 -12.07
C GLN A 102 -1.63 -0.70 -10.93
N GLY A 103 -2.64 -1.54 -10.84
CA GLY A 103 -3.63 -1.46 -9.75
C GLY A 103 -4.89 -0.69 -10.10
N THR A 104 -6.03 -1.21 -9.65
CA THR A 104 -7.32 -0.52 -9.78
C THR A 104 -7.84 -0.17 -8.38
N LYS A 105 -8.21 1.10 -8.19
CA LYS A 105 -8.79 1.54 -6.92
C LYS A 105 -10.32 1.42 -6.95
N VAL A 106 -10.86 0.68 -5.98
CA VAL A 106 -12.31 0.57 -5.79
C VAL A 106 -12.77 1.46 -4.63
N GLU A 107 -13.71 2.34 -4.95
CA GLU A 107 -14.16 3.40 -4.05
C GLU A 107 -15.67 3.38 -3.89
N ILE A 108 -16.15 3.62 -2.67
CA ILE A 108 -17.58 3.69 -2.36
C ILE A 108 -18.20 4.98 -2.89
N LYS A 109 -19.28 4.85 -3.65
CA LYS A 109 -20.03 6.01 -4.13
C LYS A 109 -21.16 6.34 -3.14
N ARG A 110 -21.32 7.63 -2.85
CA ARG A 110 -22.35 8.12 -1.95
C ARG A 110 -22.90 9.45 -2.47
N THR A 111 -23.93 9.98 -1.81
CA THR A 111 -24.52 11.27 -2.21
C THR A 111 -23.50 12.39 -2.09
N VAL A 112 -23.62 13.39 -2.96
CA VAL A 112 -22.76 14.55 -2.93
C VAL A 112 -22.87 15.25 -1.57
N ALA A 113 -21.72 15.57 -0.98
CA ALA A 113 -21.65 16.19 0.33
C ALA A 113 -20.60 17.30 0.33
N ALA A 114 -21.06 18.53 0.56
CA ALA A 114 -20.19 19.71 0.53
C ALA A 114 -19.20 19.70 1.70
N PRO A 115 -18.00 20.25 1.49
CA PRO A 115 -17.02 20.34 2.58
C PRO A 115 -17.30 21.50 3.53
N SER A 116 -17.02 21.29 4.80
CA SER A 116 -16.90 22.39 5.75
C SER A 116 -15.49 22.92 5.59
N VAL A 117 -15.34 24.25 5.54
CA VAL A 117 -14.05 24.87 5.32
C VAL A 117 -13.59 25.67 6.54
N PHE A 118 -12.36 25.43 6.97
CA PHE A 118 -11.77 26.11 8.11
C PHE A 118 -10.37 26.57 7.74
N ILE A 119 -10.00 27.77 8.18
CA ILE A 119 -8.66 28.28 7.96
C ILE A 119 -7.96 28.50 9.28
N PHE A 120 -6.71 28.08 9.35
CA PHE A 120 -5.88 28.25 10.55
C PHE A 120 -4.69 29.15 10.26
N PRO A 121 -4.63 30.32 10.91
CA PRO A 121 -3.44 31.16 10.89
C PRO A 121 -2.24 30.44 11.52
N PRO A 122 -1.02 30.91 11.24
CA PRO A 122 0.15 30.36 11.93
C PRO A 122 0.10 30.66 13.43
N SER A 123 0.34 29.64 14.24
CA SER A 123 0.33 29.81 15.70
C SER A 123 1.45 30.72 16.18
N ASP A 124 1.27 31.31 17.36
CA ASP A 124 2.31 32.13 17.98
C ASP A 124 3.60 31.34 18.16
N GLU A 125 3.47 30.10 18.63
CA GLU A 125 4.64 29.25 18.87
C GLU A 125 5.45 28.99 17.59
N GLN A 126 4.77 28.76 16.48
CA GLN A 126 5.45 28.47 15.22
C GLN A 126 6.22 29.69 14.70
N LEU A 127 5.62 30.87 14.82
CA LEU A 127 6.28 32.10 14.42
C LEU A 127 7.53 32.32 15.27
N LYS A 128 7.43 32.02 16.56
CA LYS A 128 8.57 32.05 17.47
C LYS A 128 9.67 31.04 17.09
N SER A 129 9.36 30.17 16.14
CA SER A 129 10.32 29.20 15.60
C SER A 129 11.00 29.71 14.33
N GLY A 130 10.35 30.65 13.65
CA GLY A 130 10.94 31.26 12.46
C GLY A 130 10.16 31.02 11.19
N THR A 131 9.16 30.14 11.27
CA THR A 131 8.36 29.78 10.09
C THR A 131 6.86 30.01 10.32
N ALA A 132 6.11 30.01 9.23
CA ALA A 132 4.68 30.25 9.27
C ALA A 132 3.93 29.35 8.30
N SER A 133 3.05 28.51 8.85
CA SER A 133 2.21 27.63 8.04
C SER A 133 0.75 28.04 8.15
N VAL A 134 0.11 28.21 7.00
CA VAL A 134 -1.30 28.57 6.94
C VAL A 134 -2.09 27.36 6.43
N VAL A 135 -2.84 26.74 7.32
CA VAL A 135 -3.58 25.51 7.00
C VAL A 135 -5.03 25.81 6.63
N CYS A 136 -5.46 25.25 5.49
CA CYS A 136 -6.86 25.28 5.10
C CYS A 136 -7.41 23.86 5.13
N LEU A 137 -8.54 23.69 5.80
CA LEU A 137 -9.10 22.36 6.03
C LEU A 137 -10.45 22.16 5.34
N LEU A 138 -10.51 21.16 4.49
CA LEU A 138 -11.75 20.77 3.84
C LEU A 138 -12.25 19.47 4.48
N ASN A 139 -13.37 19.58 5.21
CA ASN A 139 -13.80 18.49 6.09
C ASN A 139 -15.05 17.74 5.63
N ASN A 140 -14.92 16.42 5.56
CA ASN A 140 -16.00 15.48 5.24
C ASN A 140 -16.79 15.81 3.98
N PHE A 141 -16.15 15.63 2.82
CA PHE A 141 -16.79 15.92 1.54
C PHE A 141 -16.83 14.73 0.59
N TYR A 142 -17.72 14.81 -0.40
CA TYR A 142 -17.80 13.83 -1.49
C TYR A 142 -18.37 14.50 -2.74
N PRO A 143 -17.80 14.20 -3.93
CA PRO A 143 -16.68 13.31 -4.22
C PRO A 143 -15.31 13.89 -3.89
N ARG A 144 -14.28 13.07 -4.07
CA ARG A 144 -12.90 13.40 -3.70
C ARG A 144 -12.40 14.68 -4.35
N GLU A 145 -12.85 14.94 -5.58
CA GLU A 145 -12.32 16.03 -6.40
C GLU A 145 -12.72 17.39 -5.84
N ALA A 146 -11.71 18.22 -5.59
CA ALA A 146 -11.91 19.56 -5.04
C ALA A 146 -10.81 20.52 -5.51
N LYS A 147 -11.21 21.76 -5.77
CA LYS A 147 -10.27 22.80 -6.16
C LYS A 147 -10.03 23.74 -4.97
N VAL A 148 -8.79 23.82 -4.54
CA VAL A 148 -8.38 24.76 -3.50
C VAL A 148 -7.39 25.75 -4.09
N GLN A 149 -7.68 27.04 -3.95
CA GLN A 149 -6.78 28.08 -4.43
C GLN A 149 -6.50 29.14 -3.38
N TRP A 150 -5.22 29.48 -3.22
CA TRP A 150 -4.79 30.45 -2.23
C TRP A 150 -4.72 31.87 -2.81
N LYS A 151 -5.36 32.81 -2.11
CA LYS A 151 -5.29 34.23 -2.44
C LYS A 151 -4.51 34.97 -1.36
N VAL A 152 -3.30 35.38 -1.68
CA VAL A 152 -2.48 36.16 -0.76
C VAL A 152 -2.38 37.59 -1.28
N ASP A 153 -2.86 38.54 -0.47
CA ASP A 153 -3.06 39.94 -0.88
C ASP A 153 -3.84 40.01 -2.20
N ASN A 154 -4.90 39.20 -2.27
CA ASN A 154 -5.75 39.02 -3.46
C ASN A 154 -5.01 38.64 -4.76
N ALA A 155 -3.79 38.10 -4.60
CA ALA A 155 -3.03 37.57 -5.72
C ALA A 155 -3.09 36.04 -5.69
N LEU A 156 -3.62 35.45 -6.76
CA LEU A 156 -3.77 34.00 -6.88
C LEU A 156 -2.40 33.33 -6.94
N GLN A 157 -2.14 32.45 -5.97
CA GLN A 157 -0.84 31.79 -5.82
C GLN A 157 -0.71 30.56 -6.71
N SER A 158 0.51 30.05 -6.83
CA SER A 158 0.79 28.84 -7.59
C SER A 158 1.94 28.05 -6.99
N GLY A 159 1.75 26.74 -6.86
CA GLY A 159 2.82 25.82 -6.47
C GLY A 159 3.57 26.09 -5.18
N ASN A 160 3.01 26.91 -4.30
CA ASN A 160 3.58 27.14 -2.97
C ASN A 160 2.73 26.53 -1.84
N SER A 161 1.96 25.50 -2.20
CA SER A 161 1.05 24.86 -1.25
C SER A 161 0.89 23.36 -1.48
N GLN A 162 1.26 22.55 -0.48
CA GLN A 162 1.07 21.10 -0.53
C GLN A 162 -0.32 20.72 -0.04
N GLU A 163 -0.87 19.65 -0.60
CA GLU A 163 -2.15 19.11 -0.18
C GLU A 163 -2.05 17.66 0.25
N SER A 164 -2.84 17.29 1.26
CA SER A 164 -2.92 15.89 1.67
C SER A 164 -4.37 15.47 1.76
N VAL A 165 -4.68 14.28 1.25
CA VAL A 165 -6.03 13.75 1.29
C VAL A 165 -6.07 12.47 2.10
N THR A 166 -7.11 12.34 2.93
CA THR A 166 -7.32 11.16 3.76
C THR A 166 -7.86 10.02 2.91
N GLU A 167 -7.76 8.80 3.43
CA GLU A 167 -8.44 7.68 2.83
C GLU A 167 -9.93 7.86 3.04
N GLN A 168 -10.74 7.30 2.14
CA GLN A 168 -12.17 7.31 2.32
C GLN A 168 -12.53 6.77 3.70
N ASP A 169 -13.27 7.58 4.44
CA ASP A 169 -13.72 7.23 5.78
C ASP A 169 -14.61 5.99 5.71
N SER A 170 -14.32 5.02 6.57
CA SER A 170 -15.06 3.75 6.60
C SER A 170 -16.50 3.92 7.10
N LYS A 171 -16.74 4.94 7.92
CA LYS A 171 -18.06 5.18 8.48
C LYS A 171 -18.99 5.97 7.54
N ASP A 172 -18.55 7.15 7.12
CA ASP A 172 -19.41 8.06 6.36
C ASP A 172 -19.05 8.18 4.87
N SER A 173 -17.99 7.50 4.45
CA SER A 173 -17.57 7.41 3.05
C SER A 173 -17.12 8.75 2.43
N THR A 174 -16.69 9.69 3.27
CA THR A 174 -16.23 10.99 2.79
C THR A 174 -14.69 11.05 2.74
N TYR A 175 -14.19 12.18 2.24
CA TYR A 175 -12.76 12.49 2.25
C TYR A 175 -12.56 13.82 2.95
N SER A 176 -11.39 13.99 3.56
CA SER A 176 -10.97 15.28 4.06
C SER A 176 -9.61 15.64 3.46
N LEU A 177 -9.40 16.93 3.22
CA LEU A 177 -8.21 17.43 2.56
C LEU A 177 -7.64 18.61 3.33
N SER A 178 -6.31 18.68 3.40
CA SER A 178 -5.63 19.85 3.94
C SER A 178 -4.77 20.49 2.88
N SER A 179 -4.90 21.81 2.72
CA SER A 179 -4.01 22.58 1.87
C SER A 179 -3.22 23.53 2.76
N THR A 180 -1.90 23.34 2.79
CA THR A 180 -1.02 24.13 3.65
C THR A 180 -0.14 25.09 2.85
N LEU A 181 -0.14 26.35 3.27
CA LEU A 181 0.75 27.36 2.73
C LEU A 181 1.92 27.50 3.70
N THR A 182 3.11 27.06 3.30
CA THR A 182 4.27 27.11 4.19
C THR A 182 5.24 28.22 3.78
N LEU A 183 5.63 29.05 4.76
CA LEU A 183 6.50 30.20 4.52
C LEU A 183 7.49 30.40 5.68
N SER A 184 8.45 31.29 5.49
CA SER A 184 9.28 31.77 6.59
C SER A 184 8.59 32.97 7.24
N LYS A 185 8.91 33.24 8.50
CA LYS A 185 8.30 34.33 9.24
C LYS A 185 8.31 35.64 8.45
N ALA A 186 9.48 36.00 7.94
CA ALA A 186 9.68 37.22 7.15
C ALA A 186 8.79 37.26 5.90
N ASP A 187 8.83 36.17 5.13
CA ASP A 187 8.01 36.06 3.92
C ASP A 187 6.53 36.11 4.23
N TYR A 188 6.12 35.46 5.32
CA TYR A 188 4.74 35.53 5.80
C TYR A 188 4.32 36.95 6.15
N GLU A 189 5.25 37.70 6.72
CA GLU A 189 4.96 39.06 7.18
C GLU A 189 4.95 40.10 6.04
N LYS A 190 5.33 39.68 4.84
CA LYS A 190 5.31 40.56 3.67
C LYS A 190 3.88 40.92 3.22
N HIS A 191 2.94 40.02 3.42
CA HIS A 191 1.56 40.20 2.95
C HIS A 191 0.57 40.19 4.12
N LYS A 192 -0.61 40.78 3.90
CA LYS A 192 -1.59 40.98 4.97
C LYS A 192 -2.79 40.01 4.92
N VAL A 193 -3.42 39.90 3.74
CA VAL A 193 -4.65 39.11 3.58
C VAL A 193 -4.34 37.72 3.05
N TYR A 194 -4.73 36.70 3.82
CA TYR A 194 -4.56 35.30 3.42
C TYR A 194 -5.92 34.63 3.28
N ALA A 195 -6.19 34.11 2.09
CA ALA A 195 -7.48 33.53 1.80
C ALA A 195 -7.36 32.17 1.14
N CYS A 196 -8.18 31.24 1.61
CA CYS A 196 -8.33 29.92 0.99
C CYS A 196 -9.67 29.92 0.25
N GLU A 197 -9.65 29.52 -1.02
CA GLU A 197 -10.89 29.43 -1.79
C GLU A 197 -11.18 28.03 -2.34
N VAL A 198 -12.32 27.49 -1.94
CA VAL A 198 -12.67 26.10 -2.20
C VAL A 198 -13.80 25.94 -3.22
N THR A 199 -13.54 25.19 -4.28
CA THR A 199 -14.55 24.84 -5.26
C THR A 199 -14.75 23.32 -5.29
N HIS A 200 -16.02 22.93 -5.17
CA HIS A 200 -16.44 21.53 -5.07
C HIS A 200 -17.89 21.50 -5.55
N GLN A 201 -18.33 20.40 -6.14
CA GLN A 201 -19.67 20.36 -6.75
C GLN A 201 -20.83 20.48 -5.74
N GLY A 202 -20.58 20.06 -4.50
CA GLY A 202 -21.55 20.18 -3.42
C GLY A 202 -21.84 21.62 -3.00
N LEU A 203 -21.04 22.55 -3.50
CA LEU A 203 -21.21 23.98 -3.25
C LEU A 203 -21.69 24.68 -4.51
N SER A 204 -22.78 25.42 -4.40
CA SER A 204 -23.35 26.16 -5.53
C SER A 204 -22.42 27.28 -6.03
N SER A 205 -21.73 27.94 -5.10
CA SER A 205 -20.70 28.93 -5.42
C SER A 205 -19.45 28.67 -4.56
N PRO A 206 -18.25 28.96 -5.11
CA PRO A 206 -17.00 28.80 -4.37
C PRO A 206 -17.03 29.41 -2.97
N VAL A 207 -16.40 28.73 -2.01
CA VAL A 207 -16.35 29.18 -0.62
C VAL A 207 -14.97 29.73 -0.25
N THR A 208 -14.97 30.95 0.26
CA THR A 208 -13.75 31.63 0.69
C THR A 208 -13.72 31.76 2.22
N LYS A 209 -12.59 31.36 2.80
CA LYS A 209 -12.31 31.61 4.21
C LYS A 209 -10.98 32.34 4.29
N SER A 210 -10.94 33.39 5.09
CA SER A 210 -9.77 34.27 5.14
C SER A 210 -9.54 34.89 6.51
N PHE A 211 -8.36 35.49 6.69
CA PHE A 211 -8.01 36.23 7.89
C PHE A 211 -6.99 37.31 7.55
N ASN A 212 -6.72 38.19 8.52
CA ASN A 212 -5.69 39.22 8.38
C ASN A 212 -4.74 39.17 9.58
N ARG A 213 -3.45 39.34 9.31
CA ARG A 213 -2.46 39.38 10.39
C ARG A 213 -2.45 40.75 11.07
N VAL B 2 2.67 -20.46 8.88
CA VAL B 2 3.60 -19.71 7.99
C VAL B 2 3.65 -18.22 8.35
N GLU B 3 4.70 -17.81 9.06
CA GLU B 3 4.95 -16.39 9.31
C GLU B 3 6.22 -15.93 8.62
N LEU B 4 6.17 -14.72 8.08
CA LEU B 4 7.36 -14.09 7.52
C LEU B 4 7.66 -12.85 8.33
N VAL B 5 8.74 -12.90 9.11
CA VAL B 5 9.09 -11.80 9.99
C VAL B 5 10.31 -11.06 9.45
N GLN B 6 10.08 -9.80 9.07
CA GLN B 6 11.13 -8.99 8.46
C GLN B 6 11.82 -8.10 9.47
N SER B 7 13.07 -7.76 9.18
CA SER B 7 13.85 -6.85 10.01
C SER B 7 13.28 -5.43 9.94
N GLY B 8 13.76 -4.56 10.82
CA GLY B 8 13.17 -3.25 11.04
C GLY B 8 13.55 -2.18 10.03
N ALA B 9 12.84 -1.06 10.11
CA ALA B 9 13.02 0.07 9.20
C ALA B 9 14.44 0.60 9.18
N GLU B 10 14.90 0.98 7.98
CA GLU B 10 16.25 1.49 7.77
C GLU B 10 16.20 2.93 7.25
N VAL B 11 17.26 3.68 7.53
CA VAL B 11 17.49 4.98 6.92
C VAL B 11 18.88 4.98 6.29
N LYS B 12 18.95 5.36 5.02
CA LYS B 12 20.19 5.30 4.26
C LYS B 12 20.45 6.57 3.48
N LYS B 13 21.71 6.95 3.37
CA LYS B 13 22.13 8.06 2.52
C LYS B 13 22.12 7.57 1.07
N PRO B 14 21.85 8.47 0.10
CA PRO B 14 21.88 8.06 -1.30
C PRO B 14 23.26 7.56 -1.69
N GLY B 15 23.32 6.50 -2.49
CA GLY B 15 24.59 5.95 -2.95
C GLY B 15 25.05 4.73 -2.15
N SER B 16 24.44 4.49 -0.99
CA SER B 16 24.82 3.36 -0.15
C SER B 16 23.99 2.12 -0.46
N SER B 17 24.00 1.16 0.47
CA SER B 17 23.30 -0.10 0.31
C SER B 17 22.54 -0.51 1.57
N VAL B 18 21.52 -1.34 1.38
CA VAL B 18 20.66 -1.81 2.47
C VAL B 18 20.43 -3.31 2.36
N LYS B 19 20.53 -4.01 3.49
CA LYS B 19 20.24 -5.44 3.53
C LYS B 19 19.03 -5.75 4.43
N VAL B 20 17.98 -6.27 3.81
CA VAL B 20 16.74 -6.59 4.50
C VAL B 20 16.63 -8.09 4.67
N SER B 21 16.26 -8.53 5.87
CA SER B 21 16.11 -9.96 6.18
C SER B 21 14.64 -10.35 6.30
N CYS B 22 14.38 -11.65 6.10
CA CYS B 22 13.04 -12.21 6.15
C CYS B 22 13.13 -13.62 6.71
N LYS B 23 12.80 -13.78 7.99
CA LYS B 23 12.83 -15.10 8.62
C LYS B 23 11.51 -15.84 8.41
N ALA B 24 11.59 -16.96 7.70
CA ALA B 24 10.42 -17.78 7.40
C ALA B 24 10.23 -18.89 8.44
N SER B 25 9.00 -19.04 8.90
CA SER B 25 8.67 -20.00 9.93
C SER B 25 8.73 -21.45 9.42
N GLY B 26 9.83 -22.14 9.75
CA GLY B 26 9.97 -23.56 9.45
C GLY B 26 11.37 -24.15 9.36
N GLY B 27 12.09 -23.79 8.30
CA GLY B 27 13.19 -24.61 7.80
C GLY B 27 12.62 -25.26 6.56
N THR B 28 11.42 -24.76 6.20
CA THR B 28 10.66 -25.21 5.04
C THR B 28 10.73 -24.19 3.89
N PHE B 29 11.94 -23.90 3.43
CA PHE B 29 12.11 -23.57 2.02
C PHE B 29 12.89 -24.64 1.26
N SER B 30 12.58 -25.88 1.62
CA SER B 30 12.92 -27.07 0.86
C SER B 30 11.78 -27.40 -0.11
N SER B 31 10.67 -26.67 0.03
CA SER B 31 9.49 -26.85 -0.81
C SER B 31 8.99 -25.56 -1.47
N TYR B 32 9.51 -24.42 -1.02
CA TYR B 32 9.04 -23.10 -1.48
C TYR B 32 10.19 -22.13 -1.76
N GLY B 33 9.84 -20.96 -2.29
CA GLY B 33 10.78 -19.86 -2.47
C GLY B 33 10.31 -18.58 -1.80
N ILE B 34 11.17 -17.56 -1.81
CA ILE B 34 10.83 -16.25 -1.24
C ILE B 34 10.98 -15.17 -2.29
N SER B 35 9.93 -14.38 -2.50
CA SER B 35 9.95 -13.24 -3.40
C SER B 35 10.11 -11.94 -2.64
N TRP B 36 10.75 -10.96 -3.28
CA TRP B 36 10.84 -9.61 -2.73
C TRP B 36 10.04 -8.63 -3.60
N VAL B 37 9.10 -7.93 -2.98
CA VAL B 37 8.19 -7.02 -3.67
C VAL B 37 8.15 -5.70 -2.92
N ARG B 38 8.34 -4.59 -3.62
CA ARG B 38 8.33 -3.28 -2.99
C ARG B 38 7.17 -2.38 -3.41
N GLN B 39 6.99 -1.29 -2.66
CA GLN B 39 5.95 -0.33 -2.95
C GLN B 39 6.36 1.04 -2.41
N ALA B 40 6.73 1.94 -3.32
CA ALA B 40 6.96 3.35 -2.95
C ALA B 40 5.63 3.95 -2.50
N PRO B 41 5.67 4.95 -1.59
CA PRO B 41 4.42 5.54 -1.08
C PRO B 41 3.44 5.92 -2.18
N GLY B 42 2.20 5.46 -2.03
CA GLY B 42 1.12 5.77 -2.97
C GLY B 42 1.28 5.16 -4.37
N GLN B 43 2.27 4.28 -4.52
CA GLN B 43 2.59 3.67 -5.81
C GLN B 43 2.12 2.21 -5.86
N GLY B 44 2.45 1.52 -6.95
CA GLY B 44 2.07 0.12 -7.13
C GLY B 44 3.10 -0.89 -6.65
N LEU B 45 2.81 -2.16 -6.89
CA LEU B 45 3.69 -3.25 -6.52
C LEU B 45 4.74 -3.51 -7.61
N GLU B 46 6.01 -3.59 -7.19
CA GLU B 46 7.10 -3.91 -8.10
C GLU B 46 7.80 -5.16 -7.61
N TRP B 47 7.88 -6.16 -8.48
CA TRP B 47 8.67 -7.34 -8.20
C TRP B 47 10.13 -6.97 -8.31
N MET B 48 10.97 -7.60 -7.52
CA MET B 48 12.39 -7.28 -7.52
C MET B 48 13.21 -8.51 -7.83
N GLY B 49 12.65 -9.66 -7.46
CA GLY B 49 13.32 -10.92 -7.66
C GLY B 49 12.88 -11.93 -6.63
N GLY B 50 13.24 -13.18 -6.86
CA GLY B 50 12.93 -14.25 -5.94
C GLY B 50 14.04 -15.27 -5.90
N ILE B 51 14.04 -16.07 -4.84
CA ILE B 51 14.95 -17.21 -4.73
C ILE B 51 14.15 -18.44 -4.32
N ILE B 52 14.43 -19.56 -4.97
CA ILE B 52 14.04 -20.86 -4.43
C ILE B 52 15.33 -21.50 -3.92
N PRO B 53 15.51 -21.54 -2.59
CA PRO B 53 16.75 -21.95 -1.90
C PRO B 53 17.45 -23.23 -2.41
N ILE B 54 16.71 -24.26 -2.79
CA ILE B 54 17.34 -25.47 -3.31
C ILE B 54 17.86 -25.31 -4.75
N PHE B 55 17.83 -24.08 -5.24
CA PHE B 55 18.48 -23.70 -6.50
C PHE B 55 19.76 -22.91 -6.23
N GLY B 56 19.92 -22.43 -5.00
CA GLY B 56 21.12 -21.69 -4.59
C GLY B 56 21.28 -20.29 -5.19
N THR B 57 20.54 -19.99 -6.25
CA THR B 57 20.66 -18.71 -6.95
C THR B 57 19.31 -18.07 -7.21
N ALA B 58 19.30 -16.74 -7.29
CA ALA B 58 18.07 -15.97 -7.45
C ALA B 58 17.87 -15.50 -8.88
N ASN B 59 16.62 -15.14 -9.19
CA ASN B 59 16.30 -14.44 -10.43
C ASN B 59 15.91 -13.00 -10.07
N TYR B 60 16.23 -12.05 -10.95
CA TYR B 60 15.98 -10.63 -10.67
C TYR B 60 15.16 -9.93 -11.74
N ALA B 61 14.36 -8.96 -11.32
CA ALA B 61 13.66 -8.06 -12.25
C ALA B 61 14.68 -7.12 -12.84
N GLN B 62 14.59 -6.87 -14.15
CA GLN B 62 15.67 -6.18 -14.85
C GLN B 62 15.89 -4.71 -14.48
N LYS B 63 14.83 -4.06 -14.00
CA LYS B 63 14.93 -2.70 -13.48
C LYS B 63 15.96 -2.61 -12.35
N PHE B 64 16.22 -3.72 -11.67
CA PHE B 64 17.17 -3.74 -10.55
C PHE B 64 18.38 -4.63 -10.79
N GLN B 65 18.43 -5.24 -11.98
CA GLN B 65 19.32 -6.37 -12.27
C GLN B 65 20.76 -6.21 -11.72
N GLY B 66 21.41 -5.09 -12.05
CA GLY B 66 22.80 -4.91 -11.64
C GLY B 66 23.01 -4.39 -10.23
N ARG B 67 21.91 -4.19 -9.50
CA ARG B 67 21.92 -3.52 -8.21
C ARG B 67 21.52 -4.41 -7.03
N VAL B 68 20.83 -5.50 -7.31
CA VAL B 68 20.26 -6.32 -6.25
C VAL B 68 20.95 -7.69 -6.10
N THR B 69 21.02 -8.14 -4.86
CA THR B 69 21.42 -9.50 -4.52
C THR B 69 20.37 -10.08 -3.59
N ILE B 70 19.83 -11.25 -3.95
CA ILE B 70 18.92 -11.98 -3.08
C ILE B 70 19.56 -13.30 -2.68
N THR B 71 19.69 -13.54 -1.39
CA THR B 71 20.30 -14.78 -0.89
C THR B 71 19.38 -15.51 0.09
N ALA B 72 19.75 -16.74 0.41
CA ALA B 72 19.00 -17.55 1.39
C ALA B 72 19.96 -18.42 2.19
N ASP B 73 19.72 -18.47 3.50
CA ASP B 73 20.53 -19.25 4.44
C ASP B 73 19.66 -20.36 5.01
N GLU B 74 20.00 -21.60 4.67
CA GLU B 74 19.20 -22.79 5.03
C GLU B 74 19.11 -23.04 6.54
N SER B 75 20.22 -22.85 7.25
CA SER B 75 20.29 -23.18 8.67
C SER B 75 19.37 -22.32 9.55
N THR B 76 19.19 -21.05 9.18
CA THR B 76 18.32 -20.14 9.95
C THR B 76 16.98 -19.87 9.27
N SER B 77 16.76 -20.51 8.11
CA SER B 77 15.59 -20.25 7.25
C SER B 77 15.25 -18.77 7.09
N THR B 78 16.27 -17.98 6.75
CA THR B 78 16.13 -16.54 6.53
C THR B 78 16.58 -16.20 5.12
N ALA B 79 15.78 -15.39 4.42
CA ALA B 79 16.12 -14.90 3.09
C ALA B 79 16.52 -13.44 3.17
N TYR B 80 17.40 -13.01 2.27
CA TYR B 80 17.91 -11.64 2.30
C TYR B 80 17.78 -10.94 0.96
N MET B 81 17.84 -9.61 1.00
CA MET B 81 17.70 -8.75 -0.15
C MET B 81 18.58 -7.53 0.06
N GLU B 82 19.73 -7.50 -0.61
CA GLU B 82 20.59 -6.33 -0.55
C GLU B 82 20.46 -5.53 -1.83
N LEU B 83 20.09 -4.28 -1.69
CA LEU B 83 20.01 -3.35 -2.81
C LEU B 83 21.04 -2.23 -2.61
N SER B 84 21.89 -2.04 -3.61
CA SER B 84 22.96 -1.04 -3.52
C SER B 84 22.70 0.16 -4.43
N SER B 85 23.65 1.10 -4.47
CA SER B 85 23.52 2.33 -5.27
C SER B 85 22.15 2.98 -5.08
N LEU B 86 21.80 3.21 -3.82
CA LEU B 86 20.45 3.64 -3.45
C LEU B 86 20.13 5.05 -3.91
N ARG B 87 18.91 5.22 -4.41
CA ARG B 87 18.38 6.54 -4.76
C ARG B 87 17.05 6.75 -4.04
N SER B 88 16.55 7.99 -4.06
CA SER B 88 15.28 8.33 -3.42
C SER B 88 14.10 7.49 -3.93
N GLU B 89 14.18 7.03 -5.18
CA GLU B 89 13.11 6.19 -5.75
C GLU B 89 13.03 4.82 -5.05
N ASP B 90 14.06 4.49 -4.29
CA ASP B 90 14.11 3.24 -3.54
C ASP B 90 13.39 3.36 -2.20
N THR B 91 12.99 4.58 -1.84
CA THR B 91 12.16 4.81 -0.66
C THR B 91 10.84 4.09 -0.87
N ALA B 92 10.65 3.02 -0.10
CA ALA B 92 9.54 2.10 -0.32
C ALA B 92 9.37 1.17 0.87
N VAL B 93 8.22 0.49 0.92
CA VAL B 93 8.02 -0.60 1.84
C VAL B 93 8.43 -1.88 1.10
N TYR B 94 9.36 -2.62 1.68
CA TYR B 94 9.86 -3.85 1.06
C TYR B 94 9.26 -5.07 1.71
N TYR B 95 8.53 -5.85 0.91
CA TYR B 95 7.88 -7.06 1.39
C TYR B 95 8.61 -8.30 0.90
N CYS B 96 8.76 -9.29 1.78
CA CYS B 96 9.04 -10.64 1.33
C CYS B 96 7.70 -11.41 1.26
N ALA B 97 7.64 -12.39 0.37
CA ALA B 97 6.42 -13.18 0.15
C ALA B 97 6.75 -14.58 -0.34
N ARG B 98 6.07 -15.56 0.24
CA ARG B 98 6.30 -16.96 -0.10
C ARG B 98 5.60 -17.31 -1.41
N TYR B 99 6.24 -18.20 -2.18
CA TYR B 99 5.61 -18.76 -3.37
C TYR B 99 6.09 -20.18 -3.64
N ASP B 100 5.28 -20.91 -4.40
CA ASP B 100 5.59 -22.27 -4.80
C ASP B 100 6.19 -22.21 -6.20
N GLY B 101 7.37 -22.79 -6.37
CA GLY B 101 8.06 -22.83 -7.65
C GLY B 101 7.22 -23.38 -8.80
N ILE B 102 6.36 -24.34 -8.50
CA ILE B 102 5.53 -25.00 -9.53
C ILE B 102 4.25 -24.22 -9.84
N TYR B 103 4.00 -23.17 -9.06
CA TYR B 103 2.90 -22.24 -9.34
C TYR B 103 3.45 -20.81 -9.41
N GLY B 104 3.34 -20.05 -8.33
CA GLY B 104 3.95 -18.74 -8.27
C GLY B 104 3.18 -17.63 -7.58
N GLU B 105 1.92 -17.88 -7.20
CA GLU B 105 1.13 -16.88 -6.50
C GLU B 105 1.75 -16.59 -5.12
N LEU B 106 1.88 -15.32 -4.79
CA LEU B 106 2.45 -14.91 -3.51
C LEU B 106 1.41 -15.06 -2.40
N ASP B 107 1.42 -16.22 -1.74
CA ASP B 107 0.31 -16.59 -0.85
C ASP B 107 0.43 -16.08 0.58
N PHE B 108 1.66 -15.94 1.06
CA PHE B 108 1.90 -15.38 2.38
C PHE B 108 2.92 -14.25 2.31
N TRP B 109 2.65 -13.18 3.06
CA TRP B 109 3.48 -12.00 3.02
C TRP B 109 4.07 -11.68 4.39
N GLY B 110 5.25 -11.07 4.37
CA GLY B 110 5.84 -10.50 5.57
C GLY B 110 5.13 -9.20 5.87
N GLN B 111 5.50 -8.55 6.97
CA GLN B 111 4.83 -7.32 7.40
C GLN B 111 5.36 -6.09 6.68
N GLY B 112 6.50 -6.25 6.01
CA GLY B 112 7.14 -5.16 5.29
C GLY B 112 8.25 -4.50 6.08
N THR B 113 9.22 -3.94 5.36
CA THR B 113 10.29 -3.15 5.93
C THR B 113 10.32 -1.82 5.19
N LEU B 114 10.29 -0.72 5.94
CA LEU B 114 10.41 0.60 5.35
C LEU B 114 11.89 0.93 5.17
N VAL B 115 12.28 1.27 3.96
CA VAL B 115 13.62 1.80 3.71
C VAL B 115 13.48 3.21 3.16
N THR B 116 14.05 4.17 3.88
CA THR B 116 14.01 5.56 3.48
C THR B 116 15.40 6.00 3.04
N VAL B 117 15.50 6.43 1.79
CA VAL B 117 16.77 6.86 1.21
C VAL B 117 16.74 8.38 1.05
N SER B 118 17.64 9.06 1.77
CA SER B 118 17.68 10.52 1.78
C SER B 118 18.98 11.03 2.39
N SER B 119 19.28 12.31 2.10
CA SER B 119 20.41 13.01 2.68
C SER B 119 20.08 13.49 4.09
N ALA B 120 18.78 13.58 4.39
CA ALA B 120 18.29 14.07 5.67
C ALA B 120 18.69 13.18 6.85
N SER B 121 18.73 13.76 8.04
CA SER B 121 19.06 13.05 9.27
C SER B 121 17.83 12.82 10.12
N THR B 122 17.79 11.67 10.80
CA THR B 122 16.76 11.38 11.79
C THR B 122 16.52 12.61 12.66
N LYS B 123 15.28 13.10 12.64
CA LYS B 123 14.91 14.31 13.35
C LYS B 123 13.50 14.22 13.91
N GLY B 124 13.36 14.57 15.19
CA GLY B 124 12.05 14.64 15.85
C GLY B 124 11.22 15.79 15.31
N PRO B 125 9.88 15.66 15.39
CA PRO B 125 9.00 16.68 14.83
C PRO B 125 8.87 17.90 15.73
N SER B 126 8.61 19.05 15.11
CA SER B 126 8.23 20.25 15.84
C SER B 126 6.71 20.35 15.74
N VAL B 127 6.05 20.33 16.89
CA VAL B 127 4.58 20.25 16.94
C VAL B 127 3.98 21.58 17.37
N PHE B 128 3.13 22.14 16.52
CA PHE B 128 2.48 23.42 16.82
C PHE B 128 0.96 23.27 16.81
N PRO B 129 0.26 24.01 17.68
CA PRO B 129 -1.19 23.89 17.73
C PRO B 129 -1.89 24.59 16.57
N LEU B 130 -2.98 23.99 16.11
CA LEU B 130 -3.88 24.65 15.18
C LEU B 130 -5.11 25.05 15.99
N ALA B 131 -5.07 26.29 16.48
CA ALA B 131 -6.04 26.81 17.44
C ALA B 131 -7.38 27.11 16.78
N PRO B 132 -8.48 26.72 17.43
CA PRO B 132 -9.83 26.91 16.89
C PRO B 132 -10.27 28.37 16.95
N SER B 133 -11.19 28.74 16.05
CA SER B 133 -11.85 30.06 16.04
C SER B 133 -12.85 30.19 14.90
N SER B 134 -13.04 31.42 14.43
CA SER B 134 -13.97 31.74 13.35
C SER B 134 -13.48 31.20 12.00
N GLY B 140 -21.69 26.21 15.81
CA GLY B 140 -22.10 24.83 15.93
C GLY B 140 -20.95 23.93 16.34
N THR B 141 -20.03 23.71 15.41
CA THR B 141 -18.81 22.94 15.69
C THR B 141 -17.54 23.69 15.27
N ALA B 142 -16.46 23.39 15.97
CA ALA B 142 -15.18 24.02 15.73
C ALA B 142 -14.15 22.99 15.29
N ALA B 143 -13.22 23.41 14.44
CA ALA B 143 -12.10 22.56 14.06
C ALA B 143 -10.86 23.03 14.78
N LEU B 144 -10.10 22.08 15.30
CA LEU B 144 -8.81 22.37 15.92
C LEU B 144 -7.83 21.26 15.56
N GLY B 145 -6.55 21.45 15.86
CA GLY B 145 -5.56 20.44 15.51
C GLY B 145 -4.12 20.68 15.87
N CYS B 146 -3.25 19.92 15.22
CA CYS B 146 -1.80 20.00 15.42
C CYS B 146 -1.07 19.89 14.10
N LEU B 147 -0.14 20.80 13.89
CA LEU B 147 0.81 20.70 12.79
C LEU B 147 2.05 19.96 13.30
N VAL B 148 2.32 18.81 12.70
CA VAL B 148 3.49 17.99 13.02
C VAL B 148 4.54 18.25 11.95
N LYS B 149 5.53 19.08 12.28
CA LYS B 149 6.38 19.71 11.27
C LYS B 149 7.82 19.19 11.25
N ASP B 150 8.38 19.09 10.05
CA ASP B 150 9.82 18.91 9.82
C ASP B 150 10.46 17.77 10.61
N TYR B 151 9.97 16.55 10.37
CA TYR B 151 10.53 15.36 10.98
C TYR B 151 11.02 14.38 9.93
N PHE B 152 11.99 13.55 10.29
CA PHE B 152 12.50 12.52 9.41
C PHE B 152 12.92 11.30 10.23
N PRO B 153 12.60 10.08 9.75
CA PRO B 153 11.73 9.73 8.62
C PRO B 153 10.31 9.40 9.08
N GLU B 154 9.52 8.80 8.18
CA GLU B 154 8.25 8.18 8.56
C GLU B 154 8.52 7.00 9.51
N PRO B 155 7.51 6.58 10.29
CA PRO B 155 6.21 7.18 10.47
C PRO B 155 6.11 8.02 11.74
N VAL B 156 4.91 8.55 11.98
CA VAL B 156 4.60 9.24 13.22
C VAL B 156 3.17 8.84 13.58
N THR B 157 2.92 8.68 14.87
CA THR B 157 1.57 8.36 15.33
C THR B 157 1.03 9.54 16.12
N VAL B 158 -0.25 9.81 15.93
CA VAL B 158 -0.92 10.90 16.63
C VAL B 158 -2.20 10.40 17.27
N SER B 159 -2.38 10.72 18.55
CA SER B 159 -3.64 10.50 19.23
C SER B 159 -4.05 11.78 19.93
N TRP B 160 -5.31 11.82 20.38
CA TRP B 160 -5.81 12.97 21.12
C TRP B 160 -6.26 12.55 22.51
N ASN B 161 -5.94 13.38 23.49
CA ASN B 161 -6.25 13.13 24.89
C ASN B 161 -5.95 11.68 25.29
N SER B 162 -4.76 11.21 24.92
CA SER B 162 -4.27 9.86 25.25
C SER B 162 -5.15 8.73 24.69
N GLY B 163 -5.92 9.04 23.65
CA GLY B 163 -6.80 8.04 23.01
C GLY B 163 -8.27 8.21 23.33
N ALA B 164 -8.59 9.06 24.30
CA ALA B 164 -9.97 9.29 24.72
C ALA B 164 -10.80 10.01 23.66
N LEU B 165 -10.13 10.78 22.79
CA LEU B 165 -10.79 11.43 21.67
C LEU B 165 -10.37 10.75 20.36
N THR B 166 -11.35 10.14 19.69
CA THR B 166 -11.10 9.42 18.43
C THR B 166 -12.11 9.82 17.36
N SER B 167 -13.32 10.15 17.79
CA SER B 167 -14.41 10.54 16.89
C SER B 167 -14.15 11.90 16.24
N GLY B 168 -14.17 11.93 14.91
CA GLY B 168 -13.99 13.16 14.13
C GLY B 168 -12.54 13.55 13.86
N VAL B 169 -11.61 12.66 14.24
CA VAL B 169 -10.18 12.91 14.10
C VAL B 169 -9.70 12.56 12.70
N HIS B 170 -9.00 13.51 12.07
CA HIS B 170 -8.37 13.28 10.78
C HIS B 170 -6.88 13.52 10.87
N THR B 171 -6.10 12.45 10.71
CA THR B 171 -4.65 12.57 10.65
C THR B 171 -4.19 12.38 9.21
N PHE B 172 -3.83 13.49 8.55
CA PHE B 172 -3.48 13.48 7.14
C PHE B 172 -2.17 12.75 6.87
N PRO B 173 -2.12 12.02 5.73
CA PRO B 173 -0.85 11.49 5.23
C PRO B 173 0.21 12.58 5.16
N ALA B 174 1.43 12.27 5.58
CA ALA B 174 2.54 13.20 5.52
C ALA B 174 2.94 13.45 4.08
N VAL B 175 3.28 14.69 3.76
CA VAL B 175 3.84 15.00 2.44
C VAL B 175 5.32 15.33 2.57
N LEU B 176 6.10 14.88 1.59
CA LEU B 176 7.54 15.11 1.57
C LEU B 176 7.82 16.54 1.15
N GLN B 177 8.46 17.31 2.04
CA GLN B 177 8.85 18.69 1.74
C GLN B 177 10.06 18.71 0.80
N SER B 178 10.29 19.86 0.18
CA SER B 178 11.44 20.07 -0.72
C SER B 178 12.76 20.15 0.05
N SER B 179 12.68 19.95 1.37
CA SER B 179 13.85 19.90 2.24
C SER B 179 14.20 18.45 2.58
N GLY B 180 13.38 17.53 2.10
CA GLY B 180 13.54 16.11 2.40
C GLY B 180 12.91 15.70 3.71
N LEU B 181 12.34 16.68 4.43
CA LEU B 181 11.67 16.44 5.70
C LEU B 181 10.17 16.22 5.50
N TYR B 182 9.54 15.56 6.47
CA TYR B 182 8.10 15.27 6.39
C TYR B 182 7.26 16.24 7.23
N SER B 183 6.04 16.50 6.78
CA SER B 183 5.09 17.34 7.51
C SER B 183 3.66 16.84 7.36
N LEU B 184 2.91 16.89 8.46
CA LEU B 184 1.47 16.60 8.45
C LEU B 184 0.72 17.42 9.48
N SER B 185 -0.60 17.44 9.35
CA SER B 185 -1.48 17.99 10.36
C SER B 185 -2.47 16.93 10.80
N SER B 186 -2.80 16.94 12.08
CA SER B 186 -3.89 16.14 12.60
C SER B 186 -4.96 17.09 13.09
N VAL B 187 -6.17 16.96 12.55
CA VAL B 187 -7.28 17.83 12.93
C VAL B 187 -8.40 17.06 13.60
N VAL B 188 -9.24 17.77 14.35
CA VAL B 188 -10.44 17.19 14.95
C VAL B 188 -11.56 18.24 15.01
N THR B 189 -12.78 17.79 14.74
CA THR B 189 -13.97 18.62 14.93
C THR B 189 -14.62 18.30 16.27
N VAL B 190 -15.00 19.34 16.99
CA VAL B 190 -15.62 19.23 18.31
C VAL B 190 -16.75 20.27 18.44
N PRO B 191 -17.65 20.11 19.43
CA PRO B 191 -18.66 21.15 19.68
C PRO B 191 -18.03 22.46 20.17
N SER B 192 -18.41 23.58 19.56
CA SER B 192 -17.87 24.90 19.90
C SER B 192 -17.91 25.13 21.39
N SER B 193 -19.04 24.78 22.00
CA SER B 193 -19.29 24.99 23.42
C SER B 193 -18.28 24.31 24.35
N SER B 194 -17.60 23.28 23.85
CA SER B 194 -16.59 22.58 24.65
C SER B 194 -15.23 23.27 24.68
N LEU B 195 -15.04 24.27 23.82
CA LEU B 195 -13.74 24.94 23.65
C LEU B 195 -13.16 25.57 24.91
N GLY B 196 -14.01 26.22 25.70
CA GLY B 196 -13.55 26.77 26.98
C GLY B 196 -13.37 25.69 28.04
N THR B 197 -14.20 24.65 27.97
CA THR B 197 -14.45 23.76 29.10
C THR B 197 -13.77 22.39 29.03
N GLN B 198 -13.09 22.11 27.93
CA GLN B 198 -12.35 20.86 27.79
C GLN B 198 -10.97 21.11 27.18
N THR B 199 -9.96 20.45 27.74
CA THR B 199 -8.62 20.56 27.20
C THR B 199 -8.39 19.55 26.09
N TYR B 200 -7.72 20.01 25.05
CA TYR B 200 -7.37 19.18 23.91
C TYR B 200 -5.87 19.12 23.76
N ILE B 201 -5.35 17.91 23.87
CA ILE B 201 -3.92 17.67 23.71
C ILE B 201 -3.70 16.61 22.64
N CYS B 202 -2.91 16.96 21.62
CA CYS B 202 -2.46 15.97 20.64
C CYS B 202 -1.19 15.30 21.13
N ASN B 203 -1.14 13.98 20.97
CA ASN B 203 -0.01 13.17 21.40
C ASN B 203 0.75 12.66 20.19
N VAL B 204 1.95 13.19 19.99
CA VAL B 204 2.74 12.82 18.83
C VAL B 204 3.89 11.91 19.26
N ASN B 205 3.96 10.73 18.65
CA ASN B 205 5.08 9.82 18.86
C ASN B 205 5.86 9.57 17.58
N HIS B 206 7.12 9.98 17.59
CA HIS B 206 8.05 9.72 16.50
C HIS B 206 9.10 8.76 17.03
N LYS B 207 8.92 7.48 16.73
CA LYS B 207 9.76 6.43 17.27
C LYS B 207 11.22 6.51 16.81
N PRO B 208 11.47 6.72 15.49
CA PRO B 208 12.85 6.73 14.95
C PRO B 208 13.81 7.72 15.61
N SER B 209 13.28 8.77 16.23
CA SER B 209 14.12 9.74 16.94
C SER B 209 13.83 9.71 18.43
N ASN B 210 13.06 8.72 18.85
CA ASN B 210 12.54 8.59 20.24
C ASN B 210 11.99 9.89 20.81
N THR B 211 11.05 10.48 20.07
CA THR B 211 10.46 11.73 20.48
C THR B 211 8.99 11.51 20.81
N LYS B 212 8.57 12.04 21.96
CA LYS B 212 7.17 12.09 22.32
C LYS B 212 6.86 13.53 22.71
N VAL B 213 5.90 14.13 22.02
CA VAL B 213 5.48 15.49 22.28
C VAL B 213 3.98 15.53 22.58
N ASP B 214 3.61 16.29 23.62
CA ASP B 214 2.21 16.57 23.92
C ASP B 214 1.95 18.05 23.80
N LYS B 215 0.99 18.43 22.96
CA LYS B 215 0.69 19.84 22.73
C LYS B 215 -0.74 20.22 23.10
N LYS B 216 -0.86 21.11 24.07
CA LYS B 216 -2.13 21.70 24.45
C LYS B 216 -2.62 22.61 23.32
N VAL B 217 -3.86 22.41 22.89
CA VAL B 217 -4.45 23.20 21.80
C VAL B 217 -5.61 24.03 22.34
N GLU B 218 -5.35 25.32 22.58
CA GLU B 218 -6.34 26.21 23.19
C GLU B 218 -6.76 27.36 22.28
N PRO B 219 -8.02 27.85 22.45
CA PRO B 219 -8.71 28.83 21.61
C PRO B 219 -7.90 30.06 21.15
N LYS B 220 -7.23 30.75 22.08
CA LYS B 220 -6.36 31.90 21.77
C LYS B 220 -5.95 32.65 23.04
N VAL C 9 9.77 -40.76 -3.74
CA VAL C 9 8.35 -40.89 -3.28
C VAL C 9 7.82 -42.29 -3.60
N THR C 10 7.26 -42.95 -2.59
CA THR C 10 6.87 -44.35 -2.70
C THR C 10 5.50 -44.55 -3.34
N CYS C 11 4.45 -44.40 -2.53
CA CYS C 11 3.08 -44.61 -2.99
C CYS C 11 2.30 -43.30 -2.92
N CYS C 12 1.11 -43.29 -3.54
CA CYS C 12 0.25 -42.12 -3.50
C CYS C 12 -1.05 -42.39 -2.73
N TYR C 13 -1.36 -41.50 -1.80
CA TYR C 13 -2.52 -41.66 -0.92
C TYR C 13 -3.54 -40.55 -1.16
N ASN C 14 -3.06 -39.36 -1.46
CA ASN C 14 -3.90 -38.26 -1.92
C ASN C 14 -3.38 -37.69 -3.23
N PHE C 15 -4.29 -37.35 -4.12
CA PHE C 15 -3.92 -36.70 -5.38
C PHE C 15 -3.86 -35.19 -5.24
N THR C 16 -3.03 -34.55 -6.04
CA THR C 16 -3.06 -33.10 -6.20
C THR C 16 -4.40 -32.74 -6.81
N ASN C 17 -5.01 -31.66 -6.31
CA ASN C 17 -6.27 -31.19 -6.86
C ASN C 17 -6.13 -29.88 -7.62
N ARG C 18 -4.89 -29.55 -7.98
CA ARG C 18 -4.60 -28.30 -8.67
C ARG C 18 -3.72 -28.54 -9.89
N LYS C 19 -4.23 -28.17 -11.06
CA LYS C 19 -3.52 -28.33 -12.32
C LYS C 19 -2.20 -27.55 -12.33
N ILE C 20 -1.13 -28.25 -12.74
CA ILE C 20 0.20 -27.64 -12.91
C ILE C 20 0.47 -27.37 -14.39
N SER C 21 1.13 -26.26 -14.68
CA SER C 21 1.61 -25.96 -16.02
C SER C 21 2.72 -26.93 -16.42
N VAL C 22 2.68 -27.39 -17.67
CA VAL C 22 3.70 -28.31 -18.19
C VAL C 22 5.10 -27.70 -18.15
N GLN C 23 5.16 -26.37 -18.18
CA GLN C 23 6.42 -25.61 -18.08
C GLN C 23 7.17 -25.88 -16.77
N ARG C 24 6.46 -26.43 -15.80
CA ARG C 24 7.02 -26.71 -14.46
C ARG C 24 7.27 -28.20 -14.28
N LEU C 25 7.01 -28.97 -15.32
CA LEU C 25 7.14 -30.42 -15.25
C LEU C 25 8.34 -30.91 -16.07
N ALA C 26 9.20 -31.67 -15.42
CA ALA C 26 10.40 -32.19 -16.06
C ALA C 26 10.10 -33.54 -16.73
N SER C 27 9.49 -34.44 -15.98
CA SER C 27 9.16 -35.79 -16.44
C SER C 27 8.11 -36.45 -15.55
N TYR C 28 7.60 -37.60 -15.99
CA TYR C 28 6.64 -38.37 -15.20
C TYR C 28 7.00 -39.85 -15.14
N ARG C 29 6.44 -40.54 -14.16
CA ARG C 29 6.54 -41.97 -14.05
C ARG C 29 5.20 -42.49 -13.53
N ARG C 30 4.81 -43.67 -13.98
CA ARG C 30 3.55 -44.26 -13.57
C ARG C 30 3.77 -45.12 -12.33
N ILE C 31 2.67 -45.41 -11.64
CA ILE C 31 2.66 -46.39 -10.56
C ILE C 31 1.36 -47.19 -10.65
N THR C 32 1.41 -48.46 -10.21
CA THR C 32 0.28 -49.37 -10.44
C THR C 32 -0.47 -49.82 -9.20
N SER C 33 -1.68 -50.33 -9.44
CA SER C 33 -2.61 -50.77 -8.41
C SER C 33 -2.19 -52.06 -7.70
N SER C 34 -0.93 -52.43 -7.82
CA SER C 34 -0.40 -53.61 -7.14
C SER C 34 0.77 -53.27 -6.23
N LYS C 35 0.81 -53.92 -5.06
CA LYS C 35 1.78 -53.62 -3.98
C LYS C 35 1.78 -52.14 -3.56
N CYS C 36 0.73 -51.41 -3.97
CA CYS C 36 0.62 -49.97 -3.80
C CYS C 36 -0.82 -49.49 -4.05
N PRO C 37 -1.44 -48.81 -3.06
CA PRO C 37 -2.84 -48.37 -2.96
C PRO C 37 -3.59 -48.05 -4.26
N LYS C 38 -3.20 -46.98 -4.96
CA LYS C 38 -3.91 -46.57 -6.17
C LYS C 38 -2.98 -46.23 -7.33
N GLU C 39 -3.40 -46.60 -8.54
CA GLU C 39 -2.63 -46.28 -9.74
C GLU C 39 -2.56 -44.77 -9.94
N ALA C 40 -1.34 -44.27 -10.16
CA ALA C 40 -1.10 -42.84 -10.21
C ALA C 40 0.03 -42.46 -11.13
N VAL C 41 -0.01 -41.21 -11.60
CA VAL C 41 1.10 -40.60 -12.29
C VAL C 41 1.86 -39.79 -11.25
N ILE C 42 3.18 -39.95 -11.21
CA ILE C 42 4.02 -39.13 -10.34
C ILE C 42 4.89 -38.23 -11.20
N PHE C 43 4.62 -36.93 -11.13
CA PHE C 43 5.38 -35.94 -11.90
C PHE C 43 6.64 -35.52 -11.15
N LYS C 44 7.77 -35.54 -11.87
CA LYS C 44 9.00 -34.94 -11.38
C LYS C 44 8.98 -33.46 -11.78
N THR C 45 8.93 -32.60 -10.77
CA THR C 45 8.83 -31.16 -10.96
C THR C 45 10.17 -30.53 -11.36
N ILE C 46 10.09 -29.36 -11.99
CA ILE C 46 11.27 -28.56 -12.31
C ILE C 46 12.03 -28.10 -11.04
N VAL C 47 11.37 -28.23 -9.89
CA VAL C 47 11.93 -27.86 -8.59
C VAL C 47 12.17 -29.11 -7.72
N ALA C 48 12.65 -30.18 -8.36
CA ALA C 48 13.07 -31.43 -7.68
C ALA C 48 11.97 -32.33 -7.09
N LYS C 49 10.93 -31.74 -6.50
CA LYS C 49 9.91 -32.52 -5.77
C LYS C 49 8.95 -33.29 -6.69
N GLU C 50 8.29 -34.30 -6.13
CA GLU C 50 7.34 -35.12 -6.88
C GLU C 50 5.89 -34.96 -6.43
N ILE C 51 5.00 -34.83 -7.42
CA ILE C 51 3.57 -34.66 -7.16
C ILE C 51 2.79 -35.87 -7.65
N CYS C 52 1.88 -36.36 -6.82
CA CYS C 52 0.94 -37.41 -7.23
C CYS C 52 -0.23 -36.80 -8.02
N ALA C 53 -0.54 -37.40 -9.15
CA ALA C 53 -1.64 -36.91 -10.01
C ALA C 53 -2.57 -38.03 -10.44
N ASP C 54 -3.84 -37.68 -10.65
CA ASP C 54 -4.88 -38.63 -11.04
C ASP C 54 -4.81 -38.95 -12.54
N PRO C 55 -4.50 -40.22 -12.89
CA PRO C 55 -4.44 -40.59 -14.30
C PRO C 55 -5.77 -40.47 -15.03
N LYS C 56 -6.88 -40.51 -14.29
CA LYS C 56 -8.21 -40.36 -14.88
C LYS C 56 -8.52 -38.89 -15.21
N GLN C 57 -7.76 -37.97 -14.60
CA GLN C 57 -7.96 -36.53 -14.78
C GLN C 57 -7.34 -36.05 -16.09
N LYS C 58 -8.04 -35.14 -16.77
CA LYS C 58 -7.74 -34.76 -18.16
C LYS C 58 -6.38 -34.07 -18.37
N TRP C 59 -6.08 -33.04 -17.56
CA TRP C 59 -4.83 -32.27 -17.68
C TRP C 59 -3.58 -33.14 -17.46
N VAL C 60 -3.77 -34.25 -16.72
CA VAL C 60 -2.70 -35.21 -16.47
C VAL C 60 -2.34 -35.96 -17.75
N GLN C 61 -3.36 -36.39 -18.50
CA GLN C 61 -3.17 -37.06 -19.78
C GLN C 61 -2.37 -36.17 -20.73
N ASP C 62 -2.83 -34.94 -20.90
CA ASP C 62 -2.23 -33.97 -21.83
C ASP C 62 -0.82 -33.55 -21.42
N SER C 63 -0.56 -33.52 -20.12
CA SER C 63 0.78 -33.26 -19.61
C SER C 63 1.70 -34.42 -19.94
N MET C 64 1.20 -35.64 -19.75
CA MET C 64 1.96 -36.86 -20.00
C MET C 64 2.49 -36.95 -21.44
N ASP C 65 1.60 -36.82 -22.42
CA ASP C 65 2.03 -36.90 -23.82
C ASP C 65 2.68 -35.63 -24.38
N HIS C 66 2.53 -34.51 -23.69
CA HIS C 66 3.34 -33.33 -24.00
C HIS C 66 4.78 -33.63 -23.62
N LEU C 67 4.96 -34.22 -22.45
CA LEU C 67 6.27 -34.61 -21.94
C LEU C 67 6.97 -35.65 -22.81
N ASP C 68 6.18 -36.55 -23.41
CA ASP C 68 6.69 -37.56 -24.31
C ASP C 68 7.34 -36.97 -25.56
N LYS C 69 6.59 -36.10 -26.26
CA LYS C 69 7.04 -35.47 -27.51
C LYS C 69 8.37 -34.72 -27.38
#